data_6B5R
#
_entry.id   6B5R
#
_cell.length_a   41.131
_cell.length_b   70.570
_cell.length_c   165.379
_cell.angle_alpha   90.00
_cell.angle_beta   90.00
_cell.angle_gamma   90.00
#
_symmetry.space_group_name_H-M   'P 21 21 21'
#
loop_
_entity.id
_entity.type
_entity.pdbx_description
1 polymer 'CIS42 Fab Heavy chain'
2 polymer 'CIS42 Fab Light chain'
3 polymer 'PfCSP peptide 21: ASN-PRO-ASP-PRO-ASN-ALA-ASN-PRO-ASN-VAL-ASP-PRO-ASN'
4 water water
#
loop_
_entity_poly.entity_id
_entity_poly.type
_entity_poly.pdbx_seq_one_letter_code
_entity_poly.pdbx_strand_id
1 'polypeptide(L)'
;(PCA)VQLVQSGSELKKPGASVKVSCKTSGYTFTTYAMNWVRQAPGQGLEWMGWINTNTGNPTYAPGFTGRFVFSFDTSV
STAYLQISSLKAEDTAVYYCARVYSYGVPFDYWGQGTLVTVSSASTKGPSVFPLAPSSKSTSGGTAALGCLVKDYFPEPV
TVSWNSGALTSGVHTFPAVLQSSGLYSLSSVVTVPSSSLGTQTYICNVNHKPSNTKVDKKVEPKSC
;
H
2 'polypeptide(L)'
;QSVLTQPASVSGSPGQSITISCTATSSNVGSFNLVSWYQHHPGKAPKLIIHEVSKRPSGASNRFSGSKSGNTASLTISGL
QAEDEADYYCCSYVGSDTWVFGGGTKLTVLGQPKAAPSVTLFPPSSEELQANKATLVCLISDFYPGAVTVAWKADSSPVK
AGVETTTPSKQSNNKYAASSYLSLTPEQWKSHRSYSCQVTHEGSTVEKTVAPTECS
;
L
3 'polypeptide(L)' NPDPNANPNVDPNAN A
#
# COMPACT_ATOMS: atom_id res chain seq x y z
N PCA A 1 -12.94 20.86 17.30
CA PCA A 1 -12.19 20.06 16.28
CB PCA A 1 -10.75 19.84 16.74
CG PCA A 1 -10.68 20.32 18.18
CD PCA A 1 -12.01 20.96 18.41
OE PCA A 1 -12.28 21.55 19.46
C PCA A 1 -12.86 18.70 16.12
O PCA A 1 -13.01 17.96 17.09
HA PCA A 1 -12.19 20.53 15.43
HB2 PCA A 1 -10.50 18.90 16.66
HB3 PCA A 1 -10.14 20.37 16.18
HG2 PCA A 1 -10.52 19.57 18.78
HG3 PCA A 1 -9.96 20.98 18.29
N VAL A 2 -13.30 18.39 14.90
CA VAL A 2 -13.88 17.08 14.60
C VAL A 2 -12.78 16.06 14.51
N GLN A 3 -12.98 14.92 15.16
CA GLN A 3 -11.97 13.87 15.22
C GLN A 3 -12.64 12.51 15.18
N LEU A 4 -12.16 11.65 14.29
CA LEU A 4 -12.53 10.25 14.21
C LEU A 4 -11.27 9.44 14.47
N VAL A 5 -11.26 8.69 15.56
CA VAL A 5 -10.07 7.96 15.99
C VAL A 5 -10.41 6.48 16.04
N GLN A 6 -9.71 5.68 15.25
CA GLN A 6 -10.02 4.27 15.12
C GLN A 6 -9.11 3.42 15.99
N SER A 7 -9.54 2.18 16.23
CA SER A 7 -8.76 1.23 17.00
C SER A 7 -7.54 0.77 16.20
N GLY A 8 -6.65 0.05 16.89
CA GLY A 8 -5.38 -0.32 16.33
C GLY A 8 -5.43 -1.55 15.44
N SER A 9 -4.27 -1.90 14.91
CA SER A 9 -4.17 -2.96 13.91
C SER A 9 -4.64 -4.29 14.48
N GLU A 10 -5.18 -5.13 13.59
CA GLU A 10 -5.69 -6.44 13.95
C GLU A 10 -5.00 -7.50 13.12
N LEU A 11 -4.78 -8.67 13.71
CA LEU A 11 -4.24 -9.83 13.03
C LEU A 11 -5.11 -11.04 13.34
N LYS A 12 -5.74 -11.61 12.31
CA LYS A 12 -6.76 -12.62 12.50
C LYS A 12 -6.51 -13.83 11.62
N LYS A 13 -7.05 -15.01 12.06
CA LYS A 13 -7.02 -16.22 11.28
C LYS A 13 -8.28 -16.31 10.41
N PRO A 14 -8.22 -16.96 9.25
CA PRO A 14 -9.44 -17.18 8.48
C PRO A 14 -10.49 -17.88 9.35
N GLY A 15 -11.75 -17.47 9.18
CA GLY A 15 -12.83 -18.03 9.96
C GLY A 15 -13.06 -17.36 11.30
N ALA A 16 -12.23 -16.39 11.65
CA ALA A 16 -12.38 -15.65 12.90
C ALA A 16 -13.28 -14.43 12.70
N SER A 17 -13.48 -13.69 13.79
CA SER A 17 -14.26 -12.46 13.80
CA SER A 17 -14.26 -12.46 13.76
C SER A 17 -13.35 -11.28 14.06
N VAL A 18 -13.82 -10.08 13.71
CA VAL A 18 -13.12 -8.85 14.09
C VAL A 18 -14.15 -7.74 14.28
N LYS A 19 -13.86 -6.87 15.25
CA LYS A 19 -14.69 -5.68 15.50
C LYS A 19 -13.80 -4.47 15.67
N VAL A 20 -13.99 -3.49 14.78
CA VAL A 20 -13.20 -2.26 14.70
C VAL A 20 -14.04 -1.13 15.27
N SER A 21 -13.40 -0.21 15.99
CA SER A 21 -14.12 0.94 16.54
C SER A 21 -13.69 2.23 15.88
N CYS A 22 -14.58 3.23 15.98
CA CYS A 22 -14.39 4.57 15.42
C CYS A 22 -14.98 5.54 16.44
N LYS A 23 -14.14 6.08 17.31
CA LYS A 23 -14.60 6.99 18.36
C LYS A 23 -14.54 8.41 17.83
N THR A 24 -15.64 9.14 18.01
CA THR A 24 -15.76 10.50 17.49
C THR A 24 -15.74 11.51 18.64
N SER A 25 -15.43 12.75 18.27
CA SER A 25 -15.48 13.88 19.19
C SER A 25 -15.52 15.16 18.36
N GLY A 26 -16.00 16.24 18.97
CA GLY A 26 -16.02 17.52 18.30
C GLY A 26 -17.27 17.79 17.47
N TYR A 27 -18.28 16.93 17.54
CA TYR A 27 -19.56 17.23 16.92
C TYR A 27 -20.64 16.36 17.55
N THR A 28 -21.91 16.74 17.27
CA THR A 28 -23.07 16.00 17.76
C THR A 28 -23.20 14.68 17.01
N PHE A 29 -22.92 13.57 17.71
CA PHE A 29 -22.76 12.28 17.05
C PHE A 29 -23.99 11.87 16.24
N THR A 30 -25.19 12.10 16.76
CA THR A 30 -26.37 11.56 16.09
C THR A 30 -26.90 12.48 14.99
N THR A 31 -26.25 13.60 14.70
CA THR A 31 -26.69 14.45 13.61
C THR A 31 -26.19 13.94 12.26
N TYR A 32 -25.09 13.19 12.23
CA TYR A 32 -24.44 12.87 10.96
C TYR A 32 -24.18 11.37 10.82
N ALA A 33 -24.35 10.89 9.59
CA ALA A 33 -24.16 9.49 9.27
C ALA A 33 -22.69 9.12 9.32
N MET A 34 -22.43 7.87 9.68
CA MET A 34 -21.08 7.33 9.69
C MET A 34 -20.96 6.27 8.60
N ASN A 35 -19.96 6.46 7.74
CA ASN A 35 -19.74 5.64 6.55
C ASN A 35 -18.46 4.84 6.73
N TRP A 36 -18.40 3.74 6.00
CA TRP A 36 -17.23 2.87 6.04
C TRP A 36 -16.70 2.67 4.63
N VAL A 37 -15.36 2.65 4.54
CA VAL A 37 -14.62 2.58 3.29
C VAL A 37 -13.45 1.62 3.47
N ARG A 38 -13.25 0.73 2.51
CA ARG A 38 -12.20 -0.28 2.54
C ARG A 38 -11.19 -0.07 1.41
N GLN A 39 -9.90 -0.25 1.73
CA GLN A 39 -8.83 -0.25 0.74
C GLN A 39 -8.00 -1.51 0.93
N ALA A 40 -8.11 -2.43 -0.02
CA ALA A 40 -7.28 -3.62 -0.03
C ALA A 40 -5.91 -3.27 -0.58
N PRO A 41 -4.91 -4.11 -0.33
CA PRO A 41 -3.55 -3.80 -0.82
C PRO A 41 -3.53 -3.60 -2.33
N GLY A 42 -2.90 -2.52 -2.76
CA GLY A 42 -2.80 -2.24 -4.18
C GLY A 42 -4.12 -2.09 -4.89
N GLN A 43 -5.15 -1.63 -4.19
CA GLN A 43 -6.47 -1.40 -4.77
C GLN A 43 -6.95 -0.02 -4.36
N GLY A 44 -8.11 0.38 -4.90
CA GLY A 44 -8.71 1.65 -4.57
C GLY A 44 -9.59 1.60 -3.34
N LEU A 45 -10.14 2.76 -3.01
CA LEU A 45 -11.17 2.85 -1.98
C LEU A 45 -12.49 2.27 -2.47
N GLU A 46 -13.17 1.52 -1.61
CA GLU A 46 -14.48 0.97 -1.90
CA GLU A 46 -14.48 0.98 -1.91
C GLU A 46 -15.45 1.38 -0.80
N TRP A 47 -16.52 2.08 -1.17
CA TRP A 47 -17.57 2.43 -0.23
C TRP A 47 -18.31 1.16 0.24
N MET A 48 -18.35 0.94 1.54
CA MET A 48 -18.95 -0.25 2.11
C MET A 48 -20.39 -0.05 2.53
N GLY A 49 -20.78 1.17 2.85
CA GLY A 49 -22.10 1.44 3.37
C GLY A 49 -22.05 2.54 4.41
N TRP A 50 -23.18 2.70 5.11
CA TRP A 50 -23.29 3.69 6.18
C TRP A 50 -24.28 3.22 7.23
N ILE A 51 -24.20 3.86 8.39
CA ILE A 51 -25.18 3.67 9.45
C ILE A 51 -25.79 5.02 9.78
N ASN A 52 -27.11 5.04 9.84
CA ASN A 52 -27.88 6.20 10.21
C ASN A 52 -27.85 6.34 11.72
N THR A 53 -27.17 7.39 12.22
CA THR A 53 -27.04 7.61 13.65
C THR A 53 -28.26 8.29 14.26
N ASN A 54 -29.24 8.68 13.45
CA ASN A 54 -30.51 9.12 14.02
C ASN A 54 -31.42 7.93 14.32
N THR A 55 -31.50 6.96 13.39
CA THR A 55 -32.40 5.83 13.55
C THR A 55 -31.72 4.53 13.98
N GLY A 56 -30.44 4.38 13.71
CA GLY A 56 -29.74 3.12 13.90
C GLY A 56 -29.68 2.22 12.68
N ASN A 57 -30.43 2.53 11.61
CA ASN A 57 -30.53 1.63 10.45
C ASN A 57 -29.23 1.58 9.64
N PRO A 58 -28.67 0.38 9.37
CA PRO A 58 -27.49 0.31 8.49
C PRO A 58 -27.82 0.01 7.03
N THR A 59 -27.00 0.54 6.11
CA THR A 59 -27.17 0.33 4.67
C THR A 59 -25.85 -0.21 4.14
N TYR A 60 -25.89 -1.40 3.53
CA TYR A 60 -24.70 -2.09 3.03
C TYR A 60 -24.64 -2.04 1.51
N ALA A 61 -23.45 -1.77 0.98
CA ALA A 61 -23.28 -1.82 -0.46
C ALA A 61 -23.24 -3.28 -0.90
N PRO A 62 -23.62 -3.56 -2.15
CA PRO A 62 -23.46 -4.92 -2.66
C PRO A 62 -22.01 -5.35 -2.49
N GLY A 63 -21.81 -6.58 -2.05
CA GLY A 63 -20.49 -7.08 -1.77
C GLY A 63 -20.05 -6.92 -0.34
N PHE A 64 -20.75 -6.09 0.45
CA PHE A 64 -20.54 -6.03 1.90
C PHE A 64 -21.82 -6.42 2.63
N THR A 65 -22.60 -7.28 2.01
CA THR A 65 -23.81 -7.84 2.59
C THR A 65 -23.50 -9.26 3.06
N GLY A 66 -24.13 -9.66 4.16
CA GLY A 66 -24.02 -11.03 4.59
C GLY A 66 -23.22 -11.28 5.85
N ARG A 67 -22.07 -10.60 6.03
CA ARG A 67 -21.23 -10.86 7.18
C ARG A 67 -20.64 -9.58 7.77
N PHE A 68 -21.20 -8.42 7.45
CA PHE A 68 -20.70 -7.14 7.94
C PHE A 68 -21.78 -6.51 8.81
N VAL A 69 -21.38 -5.93 9.94
CA VAL A 69 -22.32 -5.25 10.83
C VAL A 69 -21.77 -3.88 11.21
N PHE A 70 -22.51 -2.85 10.85
CA PHE A 70 -22.30 -1.50 11.36
C PHE A 70 -23.17 -1.30 12.59
N SER A 71 -22.60 -0.71 13.64
CA SER A 71 -23.35 -0.39 14.85
C SER A 71 -22.75 0.89 15.44
N PHE A 72 -23.36 1.38 16.51
CA PHE A 72 -22.79 2.49 17.27
C PHE A 72 -23.31 2.41 18.70
N ASP A 73 -22.58 3.09 19.59
CA ASP A 73 -22.94 3.24 21.01
C ASP A 73 -22.98 4.73 21.32
N THR A 74 -24.17 5.28 21.55
CA THR A 74 -24.29 6.71 21.76
C THR A 74 -23.73 7.16 23.11
N SER A 75 -23.53 6.25 24.08
CA SER A 75 -22.98 6.67 25.37
C SER A 75 -21.51 7.05 25.26
N VAL A 76 -20.81 6.63 24.21
CA VAL A 76 -19.39 6.88 24.03
C VAL A 76 -19.11 7.42 22.63
N SER A 77 -20.17 7.86 21.93
CA SER A 77 -20.08 8.42 20.57
C SER A 77 -19.10 7.64 19.69
N THR A 78 -19.29 6.31 19.65
CA THR A 78 -18.42 5.42 18.90
C THR A 78 -19.23 4.54 17.97
N ALA A 79 -18.73 4.36 16.75
CA ALA A 79 -19.32 3.48 15.76
C ALA A 79 -18.41 2.27 15.60
N TYR A 80 -18.99 1.18 15.12
CA TYR A 80 -18.27 -0.09 15.07
C TYR A 80 -18.55 -0.79 13.76
N LEU A 81 -17.57 -1.61 13.37
CA LEU A 81 -17.63 -2.43 12.18
C LEU A 81 -17.25 -3.84 12.61
N GLN A 82 -18.16 -4.79 12.42
CA GLN A 82 -17.90 -6.19 12.78
C GLN A 82 -17.93 -7.02 11.51
N ILE A 83 -16.94 -7.92 11.37
CA ILE A 83 -16.81 -8.76 10.19
C ILE A 83 -16.65 -10.21 10.64
N SER A 84 -17.51 -11.09 10.11
CA SER A 84 -17.42 -12.51 10.40
C SER A 84 -16.92 -13.24 9.16
N SER A 85 -16.67 -14.54 9.34
CA SER A 85 -16.14 -15.41 8.28
C SER A 85 -14.96 -14.76 7.57
N LEU A 86 -14.00 -14.29 8.36
CA LEU A 86 -12.87 -13.57 7.78
C LEU A 86 -12.11 -14.48 6.84
N LYS A 87 -11.60 -13.90 5.74
CA LYS A 87 -10.74 -14.62 4.83
C LYS A 87 -9.59 -13.71 4.41
N ALA A 88 -8.58 -14.35 3.82
CA ALA A 88 -7.36 -13.65 3.46
C ALA A 88 -7.66 -12.40 2.66
N GLU A 89 -8.62 -12.47 1.74
CA GLU A 89 -8.93 -11.31 0.92
C GLU A 89 -9.66 -10.22 1.68
N ASP A 90 -9.96 -10.40 2.97
CA ASP A 90 -10.42 -9.28 3.80
C ASP A 90 -9.28 -8.43 4.32
N THR A 91 -8.03 -8.84 4.10
CA THR A 91 -6.89 -8.02 4.47
C THR A 91 -7.00 -6.65 3.80
N ALA A 92 -7.13 -5.60 4.60
CA ALA A 92 -7.40 -4.27 4.08
C ALA A 92 -7.29 -3.28 5.22
N VAL A 93 -7.19 -2.00 4.85
CA VAL A 93 -7.37 -0.90 5.76
C VAL A 93 -8.82 -0.46 5.71
N TYR A 94 -9.45 -0.39 6.88
CA TYR A 94 -10.85 -0.01 7.01
C TYR A 94 -10.93 1.38 7.61
N TYR A 95 -11.61 2.29 6.92
CA TYR A 95 -11.81 3.66 7.36
C TYR A 95 -13.27 3.90 7.71
N CYS A 96 -13.50 4.69 8.76
CA CYS A 96 -14.76 5.38 8.97
C CYS A 96 -14.65 6.80 8.44
N ALA A 97 -15.77 7.32 7.96
CA ALA A 97 -15.82 8.67 7.41
C ALA A 97 -17.20 9.25 7.62
N ARG A 98 -17.24 10.50 8.07
CA ARG A 98 -18.49 11.22 8.30
C ARG A 98 -19.03 11.78 7.00
N VAL A 99 -20.36 11.85 6.93
CA VAL A 99 -21.04 12.55 5.85
C VAL A 99 -21.75 13.74 6.46
N TYR A 100 -21.40 14.94 5.98
CA TYR A 100 -21.99 16.16 6.50
C TYR A 100 -23.32 16.45 5.80
N SER A 101 -23.37 16.18 4.50
CA SER A 101 -24.54 16.45 3.68
C SER A 101 -24.38 15.68 2.38
N TYR A 102 -25.44 15.66 1.58
CA TYR A 102 -25.33 15.12 0.23
C TYR A 102 -24.24 15.81 -0.58
N GLY A 103 -24.11 17.13 -0.43
CA GLY A 103 -23.07 17.84 -1.15
C GLY A 103 -21.68 17.67 -0.58
N VAL A 104 -21.58 17.37 0.71
CA VAL A 104 -20.29 17.27 1.39
C VAL A 104 -20.16 15.91 2.08
N PRO A 105 -19.91 14.84 1.33
CA PRO A 105 -19.69 13.54 1.94
C PRO A 105 -18.22 13.30 2.24
N PHE A 106 -17.98 12.62 3.35
CA PHE A 106 -16.64 12.17 3.72
C PHE A 106 -15.73 13.37 3.98
N ASP A 107 -16.24 14.30 4.79
CA ASP A 107 -15.45 15.49 5.09
C ASP A 107 -14.39 15.19 6.15
N TYR A 108 -14.66 14.26 7.06
CA TYR A 108 -13.70 13.86 8.08
C TYR A 108 -13.55 12.35 8.08
N TRP A 109 -12.32 11.90 8.20
CA TRP A 109 -11.95 10.50 8.07
C TRP A 109 -11.18 10.06 9.31
N GLY A 110 -11.45 8.85 9.76
CA GLY A 110 -10.56 8.18 10.67
C GLY A 110 -9.23 7.87 10.00
N GLN A 111 -8.25 7.53 10.82
CA GLN A 111 -6.90 7.30 10.34
C GLN A 111 -6.73 5.94 9.68
N GLY A 112 -7.75 5.09 9.73
CA GLY A 112 -7.70 3.75 9.19
C GLY A 112 -7.31 2.70 10.24
N THR A 113 -7.81 1.49 10.03
CA THR A 113 -7.48 0.31 10.83
C THR A 113 -7.07 -0.80 9.87
N LEU A 114 -5.83 -1.27 10.01
CA LEU A 114 -5.36 -2.40 9.22
C LEU A 114 -5.84 -3.68 9.86
N VAL A 115 -6.49 -4.53 9.07
CA VAL A 115 -6.91 -5.85 9.50
C VAL A 115 -6.22 -6.82 8.56
N THR A 116 -5.30 -7.62 9.09
CA THR A 116 -4.62 -8.65 8.33
C THR A 116 -5.22 -10.02 8.67
N VAL A 117 -5.61 -10.77 7.65
CA VAL A 117 -6.11 -12.12 7.82
C VAL A 117 -5.15 -13.07 7.12
N SER A 118 -4.56 -13.99 7.88
CA SER A 118 -3.63 -14.96 7.34
C SER A 118 -3.74 -16.25 8.13
N SER A 119 -3.55 -17.38 7.44
CA SER A 119 -3.50 -18.68 8.11
C SER A 119 -2.15 -18.95 8.78
N ALA A 120 -1.13 -18.14 8.50
CA ALA A 120 0.19 -18.38 9.06
C ALA A 120 0.21 -18.05 10.56
N SER A 121 1.19 -18.63 11.26
CA SER A 121 1.38 -18.43 12.70
C SER A 121 2.78 -17.86 12.95
N THR A 122 2.93 -17.25 14.14
CA THR A 122 4.16 -16.54 14.50
C THR A 122 5.37 -17.44 14.35
N LYS A 123 6.40 -16.93 13.66
CA LYS A 123 7.61 -17.69 13.38
C LYS A 123 8.77 -16.71 13.21
N GLY A 124 9.85 -16.95 13.93
CA GLY A 124 11.03 -16.13 13.84
C GLY A 124 11.83 -16.41 12.59
N PRO A 125 12.67 -15.47 12.19
CA PRO A 125 13.39 -15.58 10.91
C PRO A 125 14.59 -16.50 10.98
N SER A 126 14.97 -17.01 9.80
CA SER A 126 16.24 -17.70 9.57
C SER A 126 17.13 -16.73 8.79
N VAL A 127 18.22 -16.27 9.42
CA VAL A 127 19.06 -15.23 8.84
C VAL A 127 20.29 -15.86 8.21
N PHE A 128 20.53 -15.57 6.94
CA PHE A 128 21.70 -16.10 6.26
C PHE A 128 22.54 -14.97 5.70
N PRO A 129 23.86 -15.13 5.66
CA PRO A 129 24.71 -14.05 5.17
C PRO A 129 24.69 -13.96 3.65
N LEU A 130 24.78 -12.73 3.16
CA LEU A 130 24.95 -12.44 1.75
C LEU A 130 26.37 -11.92 1.59
N ALA A 131 27.32 -12.85 1.41
CA ALA A 131 28.73 -12.54 1.47
C ALA A 131 29.17 -11.68 0.28
N PRO A 132 30.10 -10.76 0.50
CA PRO A 132 30.62 -9.92 -0.58
C PRO A 132 31.42 -10.74 -1.59
N THR A 141 34.54 -0.80 -4.02
CA THR A 141 33.24 -0.76 -3.34
C THR A 141 32.47 -2.10 -3.45
N ALA A 142 32.40 -2.85 -2.35
CA ALA A 142 31.77 -4.16 -2.33
C ALA A 142 30.46 -4.15 -1.54
N ALA A 143 29.50 -4.95 -2.01
CA ALA A 143 28.18 -5.03 -1.40
C ALA A 143 28.03 -6.35 -0.64
N LEU A 144 27.43 -6.25 0.53
CA LEU A 144 27.15 -7.42 1.36
C LEU A 144 25.86 -7.15 2.11
N GLY A 145 25.25 -8.24 2.60
CA GLY A 145 23.97 -8.08 3.24
C GLY A 145 23.57 -9.30 4.04
N CYS A 146 22.30 -9.33 4.41
CA CYS A 146 21.71 -10.43 5.17
C CYS A 146 20.34 -10.75 4.59
N LEU A 147 20.06 -12.04 4.48
CA LEU A 147 18.75 -12.51 4.03
C LEU A 147 17.96 -12.94 5.26
N VAL A 148 16.85 -12.25 5.52
CA VAL A 148 15.99 -12.56 6.67
C VAL A 148 14.81 -13.35 6.13
N LYS A 149 14.79 -14.65 6.39
CA LYS A 149 13.94 -15.60 5.68
C LYS A 149 12.82 -16.16 6.54
N ASP A 150 11.62 -16.27 5.95
CA ASP A 150 10.53 -17.08 6.46
C ASP A 150 10.14 -16.73 7.90
N TYR A 151 9.61 -15.50 8.05
CA TYR A 151 9.14 -15.05 9.35
C TYR A 151 7.71 -14.57 9.24
N PHE A 152 7.04 -14.50 10.38
CA PHE A 152 5.69 -14.00 10.43
C PHE A 152 5.35 -13.61 11.86
N PRO A 153 4.61 -12.52 12.07
CA PRO A 153 4.18 -11.53 11.08
C PRO A 153 5.21 -10.42 10.90
N GLU A 154 4.86 -9.36 10.17
CA GLU A 154 5.69 -8.16 10.16
C GLU A 154 5.56 -7.51 11.54
N PRO A 155 6.51 -6.63 11.90
CA PRO A 155 7.67 -6.13 11.17
C PRO A 155 9.00 -6.75 11.60
N VAL A 156 10.00 -6.56 10.75
CA VAL A 156 11.39 -6.85 11.08
C VAL A 156 12.19 -5.57 10.84
N THR A 157 13.03 -5.20 11.80
CA THR A 157 13.94 -4.09 11.65
C THR A 157 15.35 -4.65 11.57
N VAL A 158 16.21 -3.99 10.80
CA VAL A 158 17.58 -4.46 10.61
C VAL A 158 18.50 -3.27 10.74
N SER A 159 19.55 -3.45 11.53
CA SER A 159 20.62 -2.46 11.65
C SER A 159 21.93 -3.16 11.36
N TRP A 160 22.99 -2.36 11.24
CA TRP A 160 24.32 -2.85 10.93
C TRP A 160 25.29 -2.36 11.98
N ASN A 161 26.14 -3.27 12.47
CA ASN A 161 27.14 -2.93 13.48
C ASN A 161 26.51 -2.14 14.62
N SER A 162 25.35 -2.60 15.08
CA SER A 162 24.66 -1.98 16.20
C SER A 162 24.29 -0.53 15.91
N GLY A 163 24.07 -0.21 14.63
CA GLY A 163 23.70 1.13 14.22
C GLY A 163 24.86 2.06 13.89
N ALA A 164 26.10 1.60 14.07
CA ALA A 164 27.27 2.42 13.73
C ALA A 164 27.52 2.52 12.23
N LEU A 165 26.83 1.72 11.42
CA LEU A 165 26.98 1.73 9.98
C LEU A 165 25.62 2.08 9.38
N THR A 166 25.53 3.28 8.79
CA THR A 166 24.29 3.79 8.24
C THR A 166 24.41 4.14 6.77
N SER A 167 25.47 4.82 6.37
CA SER A 167 25.62 5.23 4.97
C SER A 167 25.66 4.02 4.06
N GLY A 168 24.85 4.06 3.00
CA GLY A 168 24.82 2.99 2.03
C GLY A 168 24.06 1.76 2.46
N VAL A 169 23.15 1.89 3.41
CA VAL A 169 22.32 0.78 3.87
C VAL A 169 20.92 0.95 3.30
N HIS A 170 20.33 -0.15 2.84
CA HIS A 170 18.93 -0.16 2.47
C HIS A 170 18.33 -1.50 2.84
N THR A 171 17.28 -1.47 3.65
CA THR A 171 16.51 -2.64 4.01
C THR A 171 15.28 -2.66 3.12
N PHE A 172 15.16 -3.69 2.29
CA PHE A 172 14.05 -3.77 1.36
C PHE A 172 12.79 -4.23 2.07
N PRO A 173 11.61 -3.78 1.64
CA PRO A 173 10.38 -4.36 2.17
C PRO A 173 10.33 -5.85 1.86
N ALA A 174 9.47 -6.56 2.57
CA ALA A 174 9.42 -8.01 2.50
C ALA A 174 8.49 -8.47 1.39
N VAL A 175 8.73 -9.69 0.90
CA VAL A 175 7.82 -10.39 0.03
C VAL A 175 6.95 -11.29 0.90
N LEU A 176 5.69 -11.43 0.52
CA LEU A 176 4.80 -12.41 1.12
C LEU A 176 4.77 -13.62 0.19
N GLN A 177 5.36 -14.72 0.63
CA GLN A 177 5.42 -15.93 -0.17
C GLN A 177 4.05 -16.62 -0.19
N SER A 178 3.96 -17.66 -1.01
CA SER A 178 2.73 -18.45 -1.06
C SER A 178 2.48 -19.14 0.26
N SER A 179 3.53 -19.46 1.01
CA SER A 179 3.38 -20.09 2.32
C SER A 179 2.81 -19.14 3.36
N GLY A 180 2.61 -17.87 3.03
CA GLY A 180 2.16 -16.90 4.00
C GLY A 180 3.26 -16.28 4.83
N LEU A 181 4.51 -16.68 4.63
CA LEU A 181 5.63 -16.17 5.41
C LEU A 181 6.32 -15.03 4.68
N TYR A 182 6.97 -14.17 5.46
CA TYR A 182 7.67 -13.01 4.94
C TYR A 182 9.18 -13.26 4.89
N SER A 183 9.81 -12.63 3.90
CA SER A 183 11.27 -12.56 3.79
C SER A 183 11.66 -11.18 3.31
N LEU A 184 12.84 -10.73 3.75
CA LEU A 184 13.41 -9.49 3.27
C LEU A 184 14.94 -9.61 3.26
N SER A 185 15.59 -8.61 2.67
CA SER A 185 17.04 -8.52 2.67
C SER A 185 17.47 -7.12 3.10
N SER A 186 18.63 -7.04 3.71
CA SER A 186 19.30 -5.76 3.98
C SER A 186 20.67 -5.82 3.37
N VAL A 187 21.06 -4.75 2.66
CA VAL A 187 22.33 -4.69 1.97
C VAL A 187 23.03 -3.41 2.37
N VAL A 188 24.35 -3.48 2.43
CA VAL A 188 25.18 -2.30 2.68
C VAL A 188 26.36 -2.35 1.71
N THR A 189 26.70 -1.19 1.16
CA THR A 189 27.82 -1.04 0.27
C THR A 189 29.00 -0.52 1.08
N VAL A 190 30.15 -1.20 0.97
CA VAL A 190 31.32 -0.84 1.77
C VAL A 190 32.54 -0.85 0.86
N PRO A 191 33.60 -0.17 1.28
CA PRO A 191 34.83 -0.18 0.46
C PRO A 191 35.48 -1.55 0.44
N SER A 192 35.96 -1.94 -0.74
CA SER A 192 36.58 -3.25 -0.89
C SER A 192 37.75 -3.42 0.08
N SER A 193 38.52 -2.36 0.30
CA SER A 193 39.69 -2.45 1.15
C SER A 193 39.34 -2.72 2.60
N SER A 194 38.10 -2.45 3.01
CA SER A 194 37.71 -2.70 4.40
C SER A 194 37.46 -4.16 4.69
N LEU A 195 37.15 -4.97 3.67
CA LEU A 195 36.92 -6.39 3.90
C LEU A 195 38.18 -7.04 4.47
N GLY A 196 37.99 -7.89 5.47
CA GLY A 196 39.11 -8.49 6.16
C GLY A 196 39.68 -7.67 7.30
N THR A 197 39.30 -6.39 7.39
CA THR A 197 39.62 -5.55 8.54
C THR A 197 38.39 -5.27 9.38
N GLN A 198 37.41 -4.56 8.81
CA GLN A 198 36.20 -4.22 9.53
C GLN A 198 35.28 -5.43 9.59
N THR A 199 34.73 -5.69 10.78
CA THR A 199 33.71 -6.71 10.96
C THR A 199 32.35 -6.11 10.63
N TYR A 200 31.53 -6.88 9.92
CA TYR A 200 30.19 -6.45 9.55
C TYR A 200 29.18 -7.43 10.12
N ILE A 201 28.24 -6.91 10.92
CA ILE A 201 27.20 -7.71 11.55
C ILE A 201 25.88 -7.01 11.32
N CYS A 202 24.90 -7.75 10.81
CA CYS A 202 23.54 -7.25 10.73
C CYS A 202 22.82 -7.63 12.01
N ASN A 203 22.10 -6.68 12.60
CA ASN A 203 21.31 -6.92 13.79
C ASN A 203 19.85 -7.00 13.35
N VAL A 204 19.30 -8.20 13.36
CA VAL A 204 17.92 -8.44 12.96
C VAL A 204 17.06 -8.51 14.21
N ASN A 205 15.94 -7.80 14.19
CA ASN A 205 15.00 -7.81 15.31
C ASN A 205 13.60 -8.15 14.80
N HIS A 206 13.01 -9.20 15.38
CA HIS A 206 11.65 -9.64 15.05
C HIS A 206 10.88 -9.66 16.36
N LYS A 207 10.39 -8.49 16.77
CA LYS A 207 9.67 -8.38 18.03
C LYS A 207 8.52 -9.36 18.15
N PRO A 208 7.69 -9.58 17.11
CA PRO A 208 6.53 -10.46 17.25
C PRO A 208 6.86 -11.87 17.73
N SER A 209 8.10 -12.31 17.52
CA SER A 209 8.55 -13.62 17.98
C SER A 209 9.59 -13.52 19.10
N ASN A 210 9.81 -12.32 19.64
CA ASN A 210 10.79 -12.11 20.70
C ASN A 210 12.15 -12.71 20.31
N THR A 211 12.55 -12.43 19.07
CA THR A 211 13.76 -12.96 18.49
C THR A 211 14.64 -11.81 18.01
N LYS A 212 15.94 -11.91 18.30
CA LYS A 212 16.95 -11.07 17.69
C LYS A 212 18.08 -11.97 17.18
N VAL A 213 18.68 -11.57 16.06
CA VAL A 213 19.78 -12.32 15.48
C VAL A 213 20.86 -11.32 15.07
N ASP A 214 22.08 -11.56 15.52
CA ASP A 214 23.27 -10.82 15.09
C ASP A 214 24.08 -11.78 14.23
N LYS A 215 24.07 -11.55 12.93
CA LYS A 215 24.72 -12.44 11.97
C LYS A 215 25.96 -11.74 11.42
N LYS A 216 27.11 -12.35 11.62
CA LYS A 216 28.35 -11.83 11.06
C LYS A 216 28.44 -12.23 9.59
N VAL A 217 28.78 -11.27 8.74
CA VAL A 217 28.87 -11.47 7.29
C VAL A 217 30.33 -11.29 6.93
N GLU A 218 31.00 -12.38 6.56
CA GLU A 218 32.42 -12.33 6.25
C GLU A 218 32.69 -12.83 4.84
N PRO A 219 33.81 -12.44 4.25
CA PRO A 219 34.11 -12.83 2.88
C PRO A 219 34.07 -14.34 2.64
N LYS A 220 33.56 -14.71 1.48
CA LYS A 220 33.71 -16.06 0.92
C LYS A 220 33.38 -16.02 -0.57
N GLN B 1 -14.28 -2.35 -12.20
CA GLN B 1 -15.52 -2.04 -12.96
C GLN B 1 -16.34 -0.97 -12.25
N SER B 2 -15.68 -0.01 -11.61
CA SER B 2 -16.40 1.08 -11.00
C SER B 2 -17.24 1.83 -12.03
N VAL B 3 -18.35 2.41 -11.55
CA VAL B 3 -19.23 3.22 -12.38
C VAL B 3 -18.63 4.58 -12.72
N LEU B 4 -17.52 4.96 -12.09
CA LEU B 4 -16.80 6.17 -12.40
C LEU B 4 -15.42 5.76 -12.90
N THR B 5 -15.08 6.16 -14.12
CA THR B 5 -13.84 5.73 -14.76
C THR B 5 -12.79 6.83 -14.67
N GLN B 6 -11.66 6.51 -14.01
CA GLN B 6 -10.50 7.39 -13.98
C GLN B 6 -9.31 6.72 -14.65
N PRO B 7 -8.43 7.49 -15.29
CA PRO B 7 -7.15 6.90 -15.74
C PRO B 7 -6.39 6.32 -14.57
N ALA B 8 -5.67 5.23 -14.82
CA ALA B 8 -4.90 4.58 -13.76
C ALA B 8 -3.78 5.47 -13.26
N SER B 9 -3.18 6.26 -14.15
CA SER B 9 -2.02 7.05 -13.78
C SER B 9 -1.93 8.28 -14.67
N VAL B 10 -1.39 9.34 -14.10
CA VAL B 10 -1.05 10.57 -14.81
C VAL B 10 0.27 11.06 -14.24
N SER B 11 1.01 11.82 -15.03
CA SER B 11 2.27 12.35 -14.59
C SER B 11 2.44 13.77 -15.13
N GLY B 12 3.29 14.54 -14.44
CA GLY B 12 3.64 15.88 -14.87
C GLY B 12 4.90 16.31 -14.17
N SER B 13 5.56 17.30 -14.74
CA SER B 13 6.77 17.83 -14.13
C SER B 13 6.45 19.01 -13.25
N PRO B 14 7.29 19.28 -12.24
CA PRO B 14 7.01 20.39 -11.32
C PRO B 14 6.71 21.68 -12.06
N GLY B 15 5.70 22.40 -11.57
CA GLY B 15 5.30 23.66 -12.16
C GLY B 15 4.20 23.57 -13.21
N GLN B 16 4.01 22.40 -13.82
CA GLN B 16 2.99 22.22 -14.83
C GLN B 16 1.60 22.10 -14.20
N SER B 17 0.57 22.02 -15.04
CA SER B 17 -0.77 21.70 -14.59
C SER B 17 -1.22 20.41 -15.26
N ILE B 18 -1.96 19.58 -14.52
CA ILE B 18 -2.40 18.28 -15.01
C ILE B 18 -3.89 18.14 -14.73
N THR B 19 -4.52 17.27 -15.51
CA THR B 19 -5.96 17.03 -15.45
C THR B 19 -6.25 15.55 -15.30
N ILE B 20 -7.16 15.22 -14.38
CA ILE B 20 -7.60 13.85 -14.13
C ILE B 20 -9.09 13.77 -14.44
N SER B 21 -9.47 12.89 -15.35
CA SER B 21 -10.86 12.74 -15.76
C SER B 21 -11.59 11.69 -14.93
N CYS B 22 -12.92 11.82 -14.90
CA CYS B 22 -13.78 10.93 -14.12
C CYS B 22 -15.12 10.86 -14.83
N THR B 23 -15.31 9.83 -15.65
CA THR B 23 -16.49 9.69 -16.50
C THR B 23 -17.45 8.70 -15.88
N ALA B 24 -18.71 9.10 -15.73
CA ALA B 24 -19.75 8.21 -15.20
C ALA B 24 -20.24 7.26 -16.29
N THR B 25 -20.32 5.97 -15.95
CA THR B 25 -20.68 4.94 -16.92
C THR B 25 -22.13 4.51 -16.79
N SER B 26 -22.90 5.15 -15.91
CA SER B 26 -24.27 4.72 -15.65
C SER B 26 -25.11 5.95 -15.32
N SER B 27 -26.42 5.79 -15.48
CA SER B 27 -27.34 6.87 -15.19
C SER B 27 -27.68 6.98 -13.71
N ASN B 28 -27.23 6.06 -12.87
CA ASN B 28 -27.54 6.19 -11.46
C ASN B 28 -26.88 7.41 -10.82
N VAL B 29 -25.95 8.08 -11.49
CA VAL B 29 -25.44 9.35 -10.96
C VAL B 29 -26.46 10.46 -11.12
N GLY B 30 -27.54 10.22 -11.87
CA GLY B 30 -28.54 11.24 -12.08
C GLY B 30 -27.94 12.46 -12.74
N SER B 31 -28.23 13.64 -12.15
CA SER B 31 -27.75 14.89 -12.71
C SER B 31 -26.24 15.07 -12.58
N PHE B 32 -25.56 14.18 -11.83
CA PHE B 32 -24.09 14.18 -11.78
C PHE B 32 -23.55 15.53 -11.31
N ASN B 33 -24.19 16.11 -10.30
CA ASN B 33 -23.74 17.32 -9.66
C ASN B 33 -23.26 17.09 -8.24
N LEU B 34 -23.33 15.85 -7.76
CA LEU B 34 -22.83 15.50 -6.43
C LEU B 34 -21.54 14.71 -6.56
N VAL B 35 -20.55 15.41 -7.11
CA VAL B 35 -19.26 14.82 -7.44
C VAL B 35 -18.20 15.44 -6.53
N SER B 36 -17.40 14.59 -5.90
CA SER B 36 -16.40 15.03 -4.96
C SER B 36 -15.07 14.37 -5.31
N TRP B 37 -13.99 15.00 -4.87
CA TRP B 37 -12.66 14.46 -5.13
C TRP B 37 -11.88 14.36 -3.83
N TYR B 38 -10.99 13.36 -3.77
CA TYR B 38 -10.18 13.11 -2.58
C TYR B 38 -8.73 12.89 -2.98
N GLN B 39 -7.84 13.46 -2.18
CA GLN B 39 -6.39 13.25 -2.28
C GLN B 39 -6.01 12.28 -1.17
N HIS B 40 -5.21 11.29 -1.50
CA HIS B 40 -4.87 10.22 -0.57
C HIS B 40 -3.38 9.98 -0.60
N HIS B 41 -2.67 10.44 0.45
CA HIS B 41 -1.26 10.14 0.61
C HIS B 41 -1.08 8.83 1.37
N PRO B 42 -0.04 8.05 1.05
CA PRO B 42 0.13 6.77 1.76
C PRO B 42 0.29 6.97 3.26
N GLY B 43 -0.33 6.08 4.03
CA GLY B 43 -0.26 6.13 5.48
C GLY B 43 -1.14 7.18 6.13
N LYS B 44 -2.00 7.84 5.37
CA LYS B 44 -2.76 8.98 5.88
C LYS B 44 -4.21 8.78 5.47
N ALA B 45 -5.11 9.48 6.15
CA ALA B 45 -6.50 9.45 5.74
C ALA B 45 -6.69 10.21 4.44
N PRO B 46 -7.59 9.75 3.56
CA PRO B 46 -7.97 10.57 2.41
C PRO B 46 -8.47 11.94 2.85
N LYS B 47 -8.29 12.93 1.97
CA LYS B 47 -8.63 14.32 2.24
C LYS B 47 -9.60 14.83 1.18
N LEU B 48 -10.71 15.40 1.63
CA LEU B 48 -11.66 16.01 0.73
C LEU B 48 -11.03 17.27 0.14
N ILE B 49 -11.01 17.37 -1.19
CA ILE B 49 -10.46 18.56 -1.84
C ILE B 49 -11.44 19.23 -2.79
N ILE B 50 -12.47 18.56 -3.28
CA ILE B 50 -13.50 19.17 -4.11
C ILE B 50 -14.83 18.49 -3.77
N HIS B 51 -15.90 19.26 -3.72
CA HIS B 51 -17.23 18.68 -3.64
C HIS B 51 -18.16 19.45 -4.54
N GLU B 52 -19.33 18.87 -4.81
CA GLU B 52 -20.32 19.47 -5.69
C GLU B 52 -19.68 19.95 -7.00
N VAL B 53 -18.85 19.07 -7.58
CA VAL B 53 -18.21 19.23 -8.89
C VAL B 53 -17.02 20.17 -8.81
N SER B 54 -17.21 21.34 -8.19
CA SER B 54 -16.27 22.43 -8.34
C SER B 54 -16.02 23.22 -7.06
N LYS B 55 -16.72 22.93 -5.96
CA LYS B 55 -16.60 23.72 -4.74
C LYS B 55 -15.34 23.27 -4.00
N ARG B 56 -14.55 24.24 -3.55
CA ARG B 56 -13.31 23.93 -2.86
C ARG B 56 -13.49 24.21 -1.37
N PRO B 57 -13.30 23.22 -0.50
CA PRO B 57 -13.42 23.50 0.94
C PRO B 57 -12.25 24.32 1.47
N SER B 58 -12.45 24.91 2.63
CA SER B 58 -11.35 25.58 3.32
C SER B 58 -10.30 24.55 3.74
N GLY B 59 -9.04 24.78 3.37
CA GLY B 59 -7.95 23.87 3.66
C GLY B 59 -7.30 23.30 2.42
N ALA B 60 -8.06 23.18 1.34
CA ALA B 60 -7.53 22.72 0.06
C ALA B 60 -6.98 23.92 -0.69
N SER B 61 -5.78 23.78 -1.24
CA SER B 61 -5.17 24.91 -1.92
C SER B 61 -5.99 25.30 -3.14
N ASN B 62 -5.89 26.56 -3.51
CA ASN B 62 -6.56 27.06 -4.70
C ASN B 62 -5.94 26.55 -5.98
N ARG B 63 -4.87 25.76 -5.90
CA ARG B 63 -4.33 25.07 -7.08
C ARG B 63 -5.18 23.89 -7.52
N PHE B 64 -6.18 23.49 -6.74
CA PHE B 64 -7.02 22.36 -7.06
C PHE B 64 -8.40 22.86 -7.47
N SER B 65 -8.83 22.47 -8.67
CA SER B 65 -10.10 22.92 -9.21
CA SER B 65 -10.10 22.92 -9.21
C SER B 65 -10.80 21.74 -9.86
N GLY B 66 -12.13 21.79 -9.84
CA GLY B 66 -12.95 20.75 -10.41
C GLY B 66 -13.90 21.34 -11.42
N SER B 67 -14.19 20.55 -12.45
CA SER B 67 -15.06 20.98 -13.53
C SER B 67 -15.82 19.77 -14.03
N LYS B 68 -16.71 20.02 -14.98
CA LYS B 68 -17.51 18.96 -15.56
C LYS B 68 -17.89 19.39 -16.96
N SER B 69 -17.87 18.44 -17.90
CA SER B 69 -18.44 18.65 -19.22
C SER B 69 -19.18 17.37 -19.56
N GLY B 70 -20.50 17.47 -19.73
CA GLY B 70 -21.28 16.27 -19.96
C GLY B 70 -21.15 15.36 -18.77
N ASN B 71 -20.86 14.08 -19.04
CA ASN B 71 -20.77 13.06 -18.00
C ASN B 71 -19.31 12.78 -17.59
N THR B 72 -18.41 13.72 -17.81
CA THR B 72 -17.01 13.58 -17.43
C THR B 72 -16.67 14.72 -16.49
N ALA B 73 -16.39 14.41 -15.24
CA ALA B 73 -15.92 15.39 -14.28
C ALA B 73 -14.40 15.38 -14.31
N SER B 74 -13.80 16.55 -14.04
CA SER B 74 -12.36 16.67 -14.18
CA SER B 74 -12.36 16.67 -14.18
C SER B 74 -11.78 17.41 -12.98
N LEU B 75 -10.65 16.90 -12.50
CA LEU B 75 -9.84 17.55 -11.49
C LEU B 75 -8.60 18.13 -12.18
N THR B 76 -8.35 19.42 -11.95
CA THR B 76 -7.17 20.09 -12.50
C THR B 76 -6.33 20.58 -11.32
N ILE B 77 -5.03 20.31 -11.39
CA ILE B 77 -4.08 20.80 -10.40
C ILE B 77 -3.14 21.76 -11.12
N SER B 78 -3.06 23.00 -10.63
CA SER B 78 -2.20 24.03 -11.22
C SER B 78 -0.88 24.10 -10.46
N GLY B 79 0.16 24.53 -11.16
CA GLY B 79 1.47 24.70 -10.56
C GLY B 79 1.93 23.49 -9.78
N LEU B 80 2.03 22.35 -10.46
CA LEU B 80 2.27 21.08 -9.81
C LEU B 80 3.46 21.14 -8.87
N GLN B 81 3.32 20.54 -7.69
CA GLN B 81 4.39 20.52 -6.71
C GLN B 81 4.64 19.09 -6.26
N ALA B 82 5.84 18.86 -5.71
CA ALA B 82 6.25 17.51 -5.39
C ALA B 82 5.28 16.83 -4.42
N GLU B 83 4.77 17.59 -3.45
CA GLU B 83 3.89 17.02 -2.44
C GLU B 83 2.50 16.68 -2.98
N ASP B 84 2.22 16.99 -4.26
CA ASP B 84 0.96 16.59 -4.89
C ASP B 84 0.97 15.14 -5.33
N GLU B 85 2.15 14.50 -5.37
CA GLU B 85 2.25 13.10 -5.74
C GLU B 85 1.46 12.25 -4.76
N ALA B 86 0.34 11.72 -5.20
CA ALA B 86 -0.59 11.01 -4.34
C ALA B 86 -1.58 10.28 -5.23
N ASP B 87 -2.50 9.55 -4.61
CA ASP B 87 -3.64 8.99 -5.31
C ASP B 87 -4.83 9.95 -5.21
N TYR B 88 -5.59 10.04 -6.29
CA TYR B 88 -6.77 10.90 -6.36
C TYR B 88 -7.98 10.06 -6.77
N TYR B 89 -9.10 10.28 -6.08
CA TYR B 89 -10.34 9.53 -6.30
C TYR B 89 -11.46 10.52 -6.56
N CYS B 90 -12.25 10.27 -7.59
CA CYS B 90 -13.52 10.97 -7.68
C CYS B 90 -14.60 10.11 -7.01
N CYS B 91 -15.74 10.74 -6.74
CA CYS B 91 -16.77 10.08 -5.96
C CYS B 91 -18.11 10.67 -6.36
N SER B 92 -19.14 9.83 -6.48
CA SER B 92 -20.46 10.35 -6.81
C SER B 92 -21.53 9.69 -5.96
N TYR B 93 -22.52 10.49 -5.60
CA TYR B 93 -23.80 9.94 -5.16
C TYR B 93 -24.37 9.10 -6.29
N VAL B 94 -24.94 7.96 -5.94
CA VAL B 94 -25.52 7.09 -6.96
C VAL B 94 -26.89 6.60 -6.52
N GLY B 95 -27.64 7.46 -5.83
CA GLY B 95 -29.04 7.20 -5.57
C GLY B 95 -29.27 6.31 -4.36
N SER B 96 -30.49 6.37 -3.85
CA SER B 96 -30.90 5.53 -2.72
C SER B 96 -29.89 5.59 -1.59
N ASP B 97 -29.38 6.79 -1.31
CA ASP B 97 -28.40 6.99 -0.23
C ASP B 97 -27.23 6.01 -0.34
N THR B 98 -26.62 5.98 -1.52
CA THR B 98 -25.42 5.18 -1.75
C THR B 98 -24.41 6.05 -2.48
N TRP B 99 -23.13 5.69 -2.34
CA TRP B 99 -22.03 6.44 -2.92
C TRP B 99 -21.10 5.45 -3.60
N VAL B 100 -20.28 5.95 -4.54
CA VAL B 100 -19.27 5.10 -5.18
C VAL B 100 -18.03 5.93 -5.44
N PHE B 101 -16.87 5.28 -5.35
CA PHE B 101 -15.59 5.89 -5.69
C PHE B 101 -15.12 5.45 -7.07
N GLY B 102 -14.43 6.35 -7.76
CA GLY B 102 -13.72 5.94 -8.95
C GLY B 102 -12.55 5.04 -8.60
N GLY B 103 -11.98 4.43 -9.63
CA GLY B 103 -10.86 3.51 -9.43
C GLY B 103 -9.61 4.15 -8.87
N GLY B 104 -9.57 5.48 -8.81
CA GLY B 104 -8.35 6.15 -8.38
C GLY B 104 -7.37 6.40 -9.51
N THR B 105 -6.55 7.44 -9.32
CA THR B 105 -5.51 7.81 -10.28
C THR B 105 -4.23 8.10 -9.51
N LYS B 106 -3.14 7.43 -9.87
CA LYS B 106 -1.84 7.72 -9.26
C LYS B 106 -1.18 8.87 -10.01
N LEU B 107 -0.98 9.98 -9.32
CA LEU B 107 -0.31 11.15 -9.88
C LEU B 107 1.16 11.10 -9.50
N THR B 108 2.04 11.07 -10.49
CA THR B 108 3.48 11.09 -10.28
C THR B 108 4.01 12.46 -10.68
N VAL B 109 4.81 13.04 -9.80
CA VAL B 109 5.45 14.34 -10.06
C VAL B 109 6.91 14.05 -10.40
N LEU B 110 7.28 14.29 -11.65
CA LEU B 110 8.61 13.96 -12.16
C LEU B 110 9.60 15.06 -11.77
N GLY B 111 9.96 15.07 -10.49
CA GLY B 111 10.90 16.06 -9.99
C GLY B 111 12.30 15.50 -9.84
N GLN B 112 12.65 14.54 -10.69
CA GLN B 112 13.89 13.80 -10.52
C GLN B 112 14.28 13.19 -11.85
N PRO B 113 15.56 13.17 -12.20
CA PRO B 113 15.97 12.59 -13.48
C PRO B 113 15.77 11.09 -13.50
N LYS B 114 15.63 10.56 -14.71
CA LYS B 114 15.56 9.12 -14.90
C LYS B 114 16.91 8.48 -14.57
N ALA B 115 16.86 7.31 -13.96
CA ALA B 115 18.06 6.58 -13.54
C ALA B 115 17.83 5.09 -13.76
N ALA B 116 18.75 4.45 -14.46
CA ALA B 116 18.69 3.01 -14.67
C ALA B 116 19.06 2.25 -13.39
N PRO B 117 18.44 1.09 -13.17
CA PRO B 117 18.69 0.36 -11.94
C PRO B 117 20.10 -0.19 -11.87
N SER B 118 20.62 -0.21 -10.65
CA SER B 118 21.80 -1.00 -10.31
C SER B 118 21.31 -2.33 -9.72
N VAL B 119 21.91 -3.43 -10.17
CA VAL B 119 21.45 -4.76 -9.78
C VAL B 119 22.61 -5.52 -9.15
N THR B 120 22.37 -6.09 -7.97
CA THR B 120 23.31 -7.02 -7.36
C THR B 120 22.59 -8.33 -7.12
N LEU B 121 23.19 -9.42 -7.61
CA LEU B 121 22.64 -10.77 -7.48
C LEU B 121 23.54 -11.57 -6.55
N PHE B 122 22.94 -12.15 -5.50
CA PHE B 122 23.62 -13.01 -4.55
C PHE B 122 23.19 -14.46 -4.77
N PRO B 123 24.12 -15.39 -4.82
CA PRO B 123 23.77 -16.79 -4.88
C PRO B 123 23.37 -17.29 -3.51
N PRO B 124 22.87 -18.51 -3.40
CA PRO B 124 22.59 -19.07 -2.08
C PRO B 124 23.86 -19.11 -1.25
N SER B 125 23.73 -18.72 0.00
CA SER B 125 24.84 -18.80 0.94
C SER B 125 25.18 -20.25 1.25
N SER B 126 26.44 -20.47 1.65
CA SER B 126 26.84 -21.80 2.09
C SER B 126 25.94 -22.30 3.22
N GLU B 127 25.76 -21.47 4.25
CA GLU B 127 24.93 -21.85 5.39
C GLU B 127 23.54 -22.32 4.95
N GLU B 128 22.90 -21.58 4.04
CA GLU B 128 21.57 -21.97 3.59
C GLU B 128 21.60 -23.30 2.85
N LEU B 129 22.58 -23.46 1.96
CA LEU B 129 22.73 -24.74 1.27
C LEU B 129 22.88 -25.87 2.27
N GLN B 130 23.60 -25.63 3.37
CA GLN B 130 23.77 -26.66 4.39
C GLN B 130 22.49 -26.92 5.16
N ALA B 131 21.51 -26.01 5.06
CA ALA B 131 20.19 -26.25 5.62
C ALA B 131 19.22 -26.80 4.57
N ASN B 132 19.75 -27.30 3.45
CA ASN B 132 18.95 -27.93 2.39
C ASN B 132 17.95 -26.96 1.77
N LYS B 133 18.33 -25.68 1.68
CA LYS B 133 17.53 -24.68 0.99
C LYS B 133 18.45 -23.82 0.13
N ALA B 134 17.85 -23.08 -0.79
CA ALA B 134 18.63 -22.25 -1.70
C ALA B 134 17.80 -21.08 -2.20
N THR B 135 18.33 -19.87 -2.04
CA THR B 135 17.63 -18.66 -2.44
C THR B 135 18.58 -17.74 -3.19
N LEU B 136 18.20 -17.39 -4.40
CA LEU B 136 18.84 -16.32 -5.14
C LEU B 136 18.18 -15.01 -4.74
N VAL B 137 18.99 -13.99 -4.50
CA VAL B 137 18.52 -12.69 -4.03
C VAL B 137 18.97 -11.67 -5.07
N CYS B 138 18.01 -11.07 -5.75
CA CYS B 138 18.30 -10.03 -6.74
C CYS B 138 17.83 -8.71 -6.17
N LEU B 139 18.77 -7.82 -5.86
CA LEU B 139 18.49 -6.55 -5.23
C LEU B 139 18.63 -5.43 -6.26
N ILE B 140 17.63 -4.56 -6.32
CA ILE B 140 17.51 -3.56 -7.38
C ILE B 140 17.40 -2.20 -6.72
N SER B 141 18.21 -1.25 -7.15
CA SER B 141 18.29 0.01 -6.43
C SER B 141 18.56 1.17 -7.37
N ASP B 142 18.18 2.36 -6.90
CA ASP B 142 18.57 3.63 -7.53
C ASP B 142 18.04 3.75 -8.96
N PHE B 143 16.78 3.39 -9.14
CA PHE B 143 16.12 3.55 -10.43
C PHE B 143 14.96 4.51 -10.32
N TYR B 144 14.72 5.23 -11.41
CA TYR B 144 13.60 6.16 -11.52
C TYR B 144 13.20 6.25 -12.99
N PRO B 145 11.88 6.22 -13.29
CA PRO B 145 10.71 6.07 -12.41
C PRO B 145 10.65 4.73 -11.69
N GLY B 146 9.74 4.60 -10.73
CA GLY B 146 9.66 3.42 -9.89
C GLY B 146 8.84 2.28 -10.45
N ALA B 147 9.25 1.74 -11.59
CA ALA B 147 8.54 0.65 -12.24
C ALA B 147 9.56 -0.27 -12.87
N VAL B 148 9.57 -1.54 -12.48
CA VAL B 148 10.44 -2.53 -13.11
C VAL B 148 9.68 -3.84 -13.24
N THR B 149 10.18 -4.68 -14.13
CA THR B 149 9.77 -6.08 -14.19
C THR B 149 11.03 -6.94 -14.06
N VAL B 150 10.87 -8.10 -13.44
CA VAL B 150 11.97 -9.02 -13.23
C VAL B 150 11.65 -10.35 -13.88
N ALA B 151 12.66 -10.94 -14.49
CA ALA B 151 12.58 -12.28 -15.05
C ALA B 151 13.84 -13.04 -14.65
N TRP B 152 13.69 -14.34 -14.45
CA TRP B 152 14.81 -15.19 -14.08
C TRP B 152 15.10 -16.19 -15.18
N LYS B 153 16.35 -16.62 -15.27
CA LYS B 153 16.76 -17.61 -16.25
C LYS B 153 17.67 -18.63 -15.58
N ALA B 154 17.43 -19.91 -15.87
CA ALA B 154 18.32 -20.99 -15.49
C ALA B 154 19.09 -21.42 -16.74
N ASP B 155 20.36 -21.04 -16.81
CA ASP B 155 21.11 -21.07 -18.07
C ASP B 155 20.45 -20.11 -19.04
N SER B 156 19.63 -20.62 -19.97
CA SER B 156 18.93 -19.78 -20.92
C SER B 156 17.41 -19.85 -20.80
N SER B 157 16.85 -20.91 -20.22
CA SER B 157 15.42 -21.02 -20.12
C SER B 157 14.88 -20.07 -19.05
N PRO B 158 13.69 -19.53 -19.24
CA PRO B 158 13.08 -18.71 -18.20
C PRO B 158 12.53 -19.57 -17.07
N VAL B 159 12.29 -18.92 -15.94
CA VAL B 159 11.83 -19.59 -14.73
C VAL B 159 10.83 -18.68 -14.02
N LYS B 160 9.55 -19.03 -14.08
CA LYS B 160 8.53 -18.37 -13.28
C LYS B 160 8.33 -19.04 -11.92
N ALA B 161 8.53 -20.35 -11.84
CA ALA B 161 8.32 -21.08 -10.60
C ALA B 161 9.32 -20.64 -9.54
N GLY B 162 8.81 -20.35 -8.34
CA GLY B 162 9.66 -19.99 -7.22
C GLY B 162 10.05 -18.54 -7.13
N VAL B 163 9.45 -17.67 -7.93
CA VAL B 163 9.83 -16.26 -8.01
C VAL B 163 8.89 -15.45 -7.14
N GLU B 164 9.45 -14.63 -6.26
CA GLU B 164 8.70 -13.66 -5.47
C GLU B 164 9.41 -12.32 -5.61
N THR B 165 8.67 -11.31 -6.06
CA THR B 165 9.21 -9.98 -6.37
C THR B 165 8.38 -8.92 -5.67
N THR B 166 9.07 -7.97 -5.03
CA THR B 166 8.40 -6.88 -4.32
C THR B 166 7.96 -5.78 -5.28
N THR B 167 7.07 -4.97 -4.81
CA THR B 167 6.76 -3.75 -5.51
C THR B 167 7.81 -2.69 -5.18
N PRO B 168 8.16 -1.83 -6.14
CA PRO B 168 9.15 -0.78 -5.86
C PRO B 168 8.73 0.09 -4.68
N SER B 169 9.73 0.57 -3.95
CA SER B 169 9.53 1.41 -2.79
C SER B 169 10.64 2.44 -2.69
N LYS B 170 10.28 3.61 -2.18
CA LYS B 170 11.21 4.74 -2.16
C LYS B 170 12.40 4.44 -1.27
N GLN B 171 13.58 4.88 -1.71
CA GLN B 171 14.79 4.77 -0.91
C GLN B 171 14.96 6.01 -0.03
N SER B 172 16.07 6.06 0.71
CA SER B 172 16.38 7.25 1.49
C SER B 172 16.77 8.41 0.58
N ASN B 173 17.46 8.12 -0.53
CA ASN B 173 17.92 9.16 -1.44
C ASN B 173 16.84 9.63 -2.41
N ASN B 174 15.62 9.09 -2.32
CA ASN B 174 14.45 9.47 -3.11
C ASN B 174 14.34 8.64 -4.39
N LYS B 175 15.29 7.77 -4.70
CA LYS B 175 15.15 6.86 -5.82
C LYS B 175 14.48 5.56 -5.35
N TYR B 176 14.07 4.74 -6.32
CA TYR B 176 13.30 3.55 -6.00
C TYR B 176 14.19 2.31 -5.91
N ALA B 177 13.65 1.28 -5.28
CA ALA B 177 14.36 0.03 -5.08
C ALA B 177 13.34 -1.09 -5.04
N ALA B 178 13.79 -2.28 -5.43
CA ALA B 178 12.95 -3.47 -5.38
C ALA B 178 13.85 -4.68 -5.24
N SER B 179 13.22 -5.82 -4.93
CA SER B 179 13.93 -7.07 -4.76
C SER B 179 13.14 -8.20 -5.39
N SER B 180 13.86 -9.23 -5.83
CA SER B 180 13.26 -10.44 -6.36
C SER B 180 14.03 -11.66 -5.82
N TYR B 181 13.28 -12.71 -5.49
CA TYR B 181 13.83 -13.93 -4.93
C TYR B 181 13.43 -15.12 -5.80
N LEU B 182 14.39 -15.99 -6.09
CA LEU B 182 14.12 -17.26 -6.74
C LEU B 182 14.49 -18.37 -5.78
N SER B 183 13.48 -19.17 -5.40
CA SER B 183 13.66 -20.28 -4.48
C SER B 183 13.94 -21.54 -5.27
N LEU B 184 14.96 -22.30 -4.85
CA LEU B 184 15.34 -23.52 -5.53
C LEU B 184 15.76 -24.57 -4.51
N THR B 185 15.75 -25.81 -4.95
CA THR B 185 16.38 -26.84 -4.15
C THR B 185 17.89 -26.78 -4.38
N PRO B 186 18.69 -27.23 -3.40
CA PRO B 186 20.14 -27.30 -3.65
C PRO B 186 20.46 -28.08 -4.91
N GLU B 187 19.62 -29.07 -5.25
CA GLU B 187 19.83 -29.87 -6.44
C GLU B 187 19.71 -29.02 -7.70
N GLN B 188 18.61 -28.26 -7.80
CA GLN B 188 18.42 -27.38 -8.95
C GLN B 188 19.56 -26.38 -9.05
N TRP B 189 19.92 -25.74 -7.94
CA TRP B 189 21.01 -24.77 -7.95
C TRP B 189 22.26 -25.35 -8.60
N LYS B 190 22.71 -26.50 -8.14
CA LYS B 190 23.89 -27.14 -8.71
C LYS B 190 23.59 -27.86 -10.01
N SER B 191 22.32 -27.94 -10.43
CA SER B 191 21.95 -28.67 -11.64
C SER B 191 22.25 -27.88 -12.90
N HIS B 192 22.20 -26.57 -12.84
CA HIS B 192 22.37 -25.73 -14.03
C HIS B 192 23.74 -25.08 -14.03
N ARG B 193 24.15 -24.61 -15.21
CA ARG B 193 25.46 -23.98 -15.35
C ARG B 193 25.49 -22.59 -14.73
N SER B 194 24.35 -21.90 -14.67
CA SER B 194 24.29 -20.56 -14.11
C SER B 194 22.83 -20.16 -13.98
N TYR B 195 22.60 -19.14 -13.15
CA TYR B 195 21.31 -18.50 -13.03
C TYR B 195 21.49 -17.00 -13.23
N SER B 196 20.45 -16.35 -13.77
CA SER B 196 20.52 -14.94 -14.10
C SER B 196 19.26 -14.23 -13.61
N CYS B 197 19.43 -12.97 -13.22
CA CYS B 197 18.32 -12.10 -12.87
C CYS B 197 18.30 -10.92 -13.84
N GLN B 198 17.15 -10.73 -14.48
CA GLN B 198 16.98 -9.79 -15.58
C GLN B 198 16.00 -8.70 -15.17
N VAL B 199 16.48 -7.46 -15.06
CA VAL B 199 15.66 -6.33 -14.61
C VAL B 199 15.40 -5.42 -15.81
N THR B 200 14.12 -5.25 -16.15
CA THR B 200 13.71 -4.37 -17.23
C THR B 200 13.19 -3.06 -16.66
N HIS B 201 13.63 -1.94 -17.24
CA HIS B 201 13.29 -0.60 -16.75
C HIS B 201 13.22 0.33 -17.95
N GLU B 202 12.03 0.88 -18.20
CA GLU B 202 11.86 1.83 -19.30
C GLU B 202 12.28 1.20 -20.64
N GLY B 203 12.02 -0.10 -20.80
CA GLY B 203 12.26 -0.78 -22.05
C GLY B 203 13.65 -1.33 -22.23
N SER B 204 14.57 -1.06 -21.30
CA SER B 204 15.93 -1.57 -21.38
C SER B 204 16.20 -2.49 -20.19
N THR B 205 17.21 -3.35 -20.36
CA THR B 205 17.38 -4.51 -19.50
C THR B 205 18.81 -4.57 -18.96
N VAL B 206 18.92 -4.93 -17.69
CA VAL B 206 20.20 -5.18 -17.06
C VAL B 206 20.13 -6.55 -16.40
N GLU B 207 21.05 -7.42 -16.77
CA GLU B 207 21.05 -8.82 -16.34
C GLU B 207 22.33 -9.12 -15.59
N LYS B 208 22.17 -9.75 -14.43
CA LYS B 208 23.29 -10.24 -13.62
C LYS B 208 23.22 -11.75 -13.56
N THR B 209 24.38 -12.39 -13.64
CA THR B 209 24.50 -13.84 -13.61
C THR B 209 25.38 -14.27 -12.44
N VAL B 210 25.03 -15.40 -11.83
CA VAL B 210 25.83 -16.04 -10.81
C VAL B 210 25.98 -17.51 -11.18
N ALA B 211 27.10 -18.09 -10.76
CA ALA B 211 27.42 -19.47 -11.04
C ALA B 211 27.74 -20.19 -9.75
N PRO B 212 27.31 -21.46 -9.58
CA PRO B 212 27.75 -22.25 -8.43
C PRO B 212 29.24 -22.62 -8.51
N ASN C 1 -31.48 14.28 -8.40
CA ASN C 1 -30.79 13.91 -7.12
C ASN C 1 -31.25 14.77 -5.93
N PRO C 2 -30.79 14.45 -4.72
CA PRO C 2 -31.22 15.20 -3.54
C PRO C 2 -30.59 16.59 -3.48
N ASP C 3 -31.17 17.42 -2.62
CA ASP C 3 -30.62 18.74 -2.33
C ASP C 3 -29.22 18.59 -1.72
N PRO C 4 -28.19 19.22 -2.29
CA PRO C 4 -26.85 19.08 -1.70
C PRO C 4 -26.77 19.58 -0.28
N ASN C 5 -27.63 20.51 0.11
CA ASN C 5 -27.61 20.98 1.49
C ASN C 5 -28.37 20.09 2.44
N ALA C 6 -29.10 19.11 1.91
CA ALA C 6 -29.83 18.22 2.79
C ALA C 6 -28.89 17.22 3.47
N ASN C 7 -29.40 16.64 4.53
CA ASN C 7 -28.67 15.69 5.36
C ASN C 7 -29.28 14.31 5.18
N PRO C 8 -28.53 13.29 4.73
CA PRO C 8 -29.09 11.93 4.63
C PRO C 8 -29.42 11.30 5.98
N ASN C 9 -28.86 11.81 7.08
CA ASN C 9 -28.95 11.18 8.41
C ASN C 9 -30.23 11.63 9.13
N VAL C 10 -31.37 11.19 8.58
CA VAL C 10 -32.68 11.60 9.08
C VAL C 10 -33.57 10.37 9.19
N ASP C 11 -34.59 10.50 10.01
CA ASP C 11 -35.63 9.48 10.11
C ASP C 11 -36.52 9.53 8.87
N PRO C 12 -36.65 8.44 8.11
CA PRO C 12 -37.60 8.43 6.99
C PRO C 12 -39.05 8.23 7.40
N ASN C 13 -39.32 8.01 8.69
CA ASN C 13 -40.62 7.59 9.23
C ASN C 13 -40.94 6.14 8.87
#